data_6VSW
#
_entry.id   6VSW
#
_cell.length_a   100.261
_cell.length_b   100.261
_cell.length_c   124.585
_cell.angle_alpha   90.000
_cell.angle_beta   90.000
_cell.angle_gamma   120.000
#
_symmetry.space_group_name_H-M   'P 61'
#
loop_
_entity.id
_entity.type
_entity.pdbx_description
1 polymer 'RAR-related orphan receptor C'
2 non-polymer 5-(2,3-dichloro-4-{[(2S)-1,1,1-trifluoropropan-2-yl]sulfamoyl}phenyl)-4-(4-fluoropiperidine-1-carbonyl)-N-(2-hydroxy-2-methylpropyl)-1,3-thiazole-2-carboxamide
#
_entity_poly.entity_id   1
_entity_poly.type   'polypeptide(L)'
_entity_poly.pdbx_seq_one_letter_code
;EAPYASLTEIEHLVQSVCKSYRETCQLRLEDLLRQRSNIFSREEVTGYQRKSMWEMWERCAHHLTEAIQYVVEFAKRLSG
FMELCQNDQIVLLKAGAMEVVLVRMCRAYNADNRTVFFEGKYGGMELFRALGCSELISSIFDFSHSLSALHFSEDEIALY
TALVLINAHRPGLQEKRKVEQLQYNLELAFHHHLCKTHRQSILAKLPPKGKLRSLCSQHVERLQIFQHLHPI
;
_entity_poly.pdbx_strand_id   A,B
#
loop_
_chem_comp.id
_chem_comp.type
_chem_comp.name
_chem_comp.formula
RG7 non-polymer 5-(2,3-dichloro-4-{[(2S)-1,1,1-trifluoropropan-2-yl]sulfamoyl}phenyl)-4-(4-fluoropiperidine-1-carbonyl)-N-(2-hydroxy-2-methylpropyl)-1,3-thiazole-2-carboxamide 'C23 H26 Cl2 F4 N4 O5 S2'
#
# COMPACT_ATOMS: atom_id res chain seq x y z
N ALA A 5 -22.58 14.06 -22.70
CA ALA A 5 -22.35 15.19 -23.61
C ALA A 5 -23.12 16.42 -23.15
N SER A 6 -23.92 16.26 -22.09
CA SER A 6 -24.73 17.35 -21.57
C SER A 6 -23.86 18.33 -20.79
N LEU A 7 -24.24 19.61 -20.85
CA LEU A 7 -23.53 20.63 -20.09
C LEU A 7 -23.61 20.34 -18.60
N THR A 8 -24.78 19.95 -18.10
CA THR A 8 -24.91 19.60 -16.69
C THR A 8 -24.04 18.40 -16.34
N GLU A 9 -23.97 17.42 -17.24
CA GLU A 9 -23.14 16.25 -17.00
C GLU A 9 -21.66 16.62 -16.97
N ILE A 10 -21.24 17.54 -17.86
CA ILE A 10 -19.84 17.97 -17.87
C ILE A 10 -19.50 18.71 -16.60
N GLU A 11 -20.34 19.70 -16.23
CA GLU A 11 -20.07 20.45 -15.01
C GLU A 11 -20.12 19.57 -13.78
N HIS A 12 -21.07 18.63 -13.74
CA HIS A 12 -21.13 17.71 -12.62
C HIS A 12 -19.87 16.86 -12.52
N LEU A 13 -19.22 16.60 -13.66
CA LEU A 13 -17.97 15.84 -13.63
C LEU A 13 -16.82 16.68 -13.11
N VAL A 14 -16.76 17.95 -13.51
CA VAL A 14 -15.74 18.86 -12.98
C VAL A 14 -15.87 18.97 -11.47
N GLN A 15 -17.09 19.22 -10.99
CA GLN A 15 -17.31 19.33 -9.55
C GLN A 15 -16.93 18.06 -8.83
N SER A 16 -17.27 16.90 -9.40
CA SER A 16 -16.98 15.63 -8.75
C SER A 16 -15.47 15.45 -8.57
N VAL A 17 -14.71 15.65 -9.64
CA VAL A 17 -13.26 15.44 -9.58
C VAL A 17 -12.62 16.44 -8.62
N CYS A 18 -13.04 17.70 -8.67
CA CYS A 18 -12.45 18.71 -7.80
C CYS A 18 -12.67 18.38 -6.33
N LYS A 19 -13.75 17.67 -6.01
CA LYS A 19 -14.00 17.31 -4.61
C LYS A 19 -13.23 16.05 -4.23
N SER A 20 -13.13 15.09 -5.15
CA SER A 20 -12.35 13.89 -4.89
C SER A 20 -10.88 14.22 -4.63
N TYR A 21 -10.40 15.34 -5.17
CA TYR A 21 -9.04 15.79 -4.90
C TYR A 21 -8.95 16.57 -3.61
N ARG A 22 -9.96 17.40 -3.32
CA ARG A 22 -9.96 18.15 -2.07
C ARG A 22 -10.00 17.24 -0.86
N GLU A 23 -10.46 16.00 -1.02
CA GLU A 23 -10.54 15.06 0.09
C GLU A 23 -9.30 14.18 0.23
N THR A 24 -8.47 14.10 -0.81
CA THR A 24 -7.30 13.22 -0.83
C THR A 24 -6.06 13.99 -1.24
N CYS A 25 -5.94 15.24 -0.80
CA CYS A 25 -4.79 16.07 -1.13
C CYS A 25 -3.63 15.90 -0.16
N GLN A 26 -3.74 14.98 0.80
CA GLN A 26 -2.66 14.71 1.75
C GLN A 26 -2.46 15.88 2.70
N LEU A 27 -2.16 17.06 2.16
CA LEU A 27 -1.98 18.26 2.95
C LEU A 27 -2.87 19.38 2.40
N ARG A 28 -3.26 20.29 3.29
CA ARG A 28 -4.08 21.42 2.89
C ARG A 28 -3.20 22.49 2.27
N LEU A 29 -3.60 22.98 1.09
CA LEU A 29 -2.83 24.04 0.44
C LEU A 29 -2.75 25.29 1.32
N GLU A 30 -3.77 25.53 2.14
CA GLU A 30 -3.73 26.67 3.05
C GLU A 30 -2.57 26.56 4.04
N ASP A 31 -2.12 25.33 4.31
CA ASP A 31 -1.02 25.11 5.24
C ASP A 31 0.34 24.98 4.55
N LEU A 32 0.37 24.47 3.32
CA LEU A 32 1.63 24.38 2.60
C LEU A 32 2.22 25.76 2.34
N LEU A 33 1.38 26.72 1.97
CA LEU A 33 1.85 28.08 1.72
C LEU A 33 2.08 28.86 3.01
N ARG A 34 1.46 28.43 4.12
CA ARG A 34 1.69 29.07 5.41
C ARG A 34 2.97 28.61 6.07
N GLN A 35 3.53 27.49 5.64
CA GLN A 35 4.73 26.92 6.23
C GLN A 35 6.01 27.33 5.50
N ARG A 36 5.90 28.06 4.38
CA ARG A 36 7.07 28.41 3.61
C ARG A 36 8.06 29.24 4.42
N SER A 37 7.58 29.98 5.42
CA SER A 37 8.46 30.75 6.30
C SER A 37 9.23 29.87 7.27
N ASN A 38 9.06 28.56 7.21
CA ASN A 38 9.71 27.61 8.11
C ASN A 38 10.75 26.83 7.30
N ILE A 39 11.94 27.41 7.17
CA ILE A 39 13.03 26.80 6.42
C ILE A 39 14.00 26.14 7.39
N PHE A 40 14.60 25.05 6.95
CA PHE A 40 15.58 24.35 7.77
C PHE A 40 16.76 25.26 8.07
N SER A 41 17.39 25.01 9.22
CA SER A 41 18.59 25.74 9.61
C SER A 41 19.83 25.07 9.05
N ARG A 42 20.96 25.79 9.10
CA ARG A 42 22.21 25.24 8.59
C ARG A 42 22.62 23.98 9.36
N GLU A 43 22.23 23.89 10.63
CA GLU A 43 22.55 22.69 11.41
C GLU A 43 21.63 21.53 11.06
N GLU A 44 20.32 21.79 10.94
CA GLU A 44 19.39 20.74 10.58
C GLU A 44 19.69 20.16 9.20
N VAL A 45 20.17 21.00 8.27
CA VAL A 45 20.52 20.52 6.94
C VAL A 45 21.74 19.62 6.99
N THR A 46 22.75 20.01 7.77
CA THR A 46 23.94 19.17 7.91
C THR A 46 23.59 17.80 8.46
N GLY A 47 22.56 17.72 9.32
CA GLY A 47 22.13 16.41 9.79
C GLY A 47 21.59 15.54 8.67
N TYR A 48 20.81 16.13 7.75
CA TYR A 48 20.28 15.38 6.63
C TYR A 48 21.37 14.99 5.62
N GLN A 49 22.51 15.67 5.63
CA GLN A 49 23.57 15.37 4.68
C GLN A 49 24.52 14.30 5.20
N ARG A 50 24.80 14.28 6.50
CA ARG A 50 25.67 13.26 7.06
C ARG A 50 25.01 11.89 7.11
N LYS A 51 23.68 11.85 7.01
CA LYS A 51 22.96 10.58 7.09
C LYS A 51 23.41 9.63 5.98
N SER A 52 23.32 8.34 6.27
CA SER A 52 23.68 7.32 5.29
C SER A 52 22.66 7.30 4.15
N MET A 53 23.13 6.93 2.95
CA MET A 53 22.25 6.94 1.80
C MET A 53 21.11 5.94 1.97
N TRP A 54 21.35 4.83 2.66
CA TRP A 54 20.26 3.90 2.96
C TRP A 54 19.23 4.55 3.86
N GLU A 55 19.68 5.37 4.82
CA GLU A 55 18.76 6.08 5.69
C GLU A 55 17.85 7.02 4.89
N MET A 56 18.37 7.61 3.82
CA MET A 56 17.58 8.56 3.05
C MET A 56 16.65 7.87 2.06
N TRP A 57 17.14 6.84 1.36
CA TRP A 57 16.26 6.09 0.47
C TRP A 57 15.11 5.45 1.23
N GLU A 58 15.33 5.09 2.50
CA GLU A 58 14.27 4.50 3.30
C GLU A 58 13.25 5.54 3.73
N ARG A 59 13.71 6.73 4.11
CA ARG A 59 12.79 7.82 4.46
C ARG A 59 11.93 8.20 3.26
N CYS A 60 12.57 8.59 2.16
CA CYS A 60 11.82 9.04 0.99
C CYS A 60 10.85 7.97 0.48
N ALA A 61 11.23 6.70 0.58
CA ALA A 61 10.34 5.64 0.13
C ALA A 61 9.07 5.59 0.97
N HIS A 62 9.18 5.82 2.28
CA HIS A 62 8.00 5.90 3.11
C HIS A 62 7.13 7.09 2.72
N HIS A 63 7.74 8.17 2.23
CA HIS A 63 6.98 9.33 1.76
C HIS A 63 6.24 9.00 0.46
N LEU A 64 6.96 8.44 -0.51
CA LEU A 64 6.33 8.11 -1.80
C LEU A 64 5.23 7.08 -1.63
N THR A 65 5.48 6.04 -0.82
CA THR A 65 4.44 5.04 -0.57
C THR A 65 3.19 5.69 0.01
N GLU A 66 3.37 6.55 1.00
CA GLU A 66 2.22 7.24 1.59
C GLU A 66 1.52 8.12 0.57
N ALA A 67 2.29 8.81 -0.27
CA ALA A 67 1.68 9.67 -1.29
C ALA A 67 0.91 8.85 -2.32
N ILE A 68 1.48 7.72 -2.76
CA ILE A 68 0.80 6.87 -3.72
C ILE A 68 -0.50 6.31 -3.15
N GLN A 69 -0.62 6.24 -1.83
CA GLN A 69 -1.87 5.79 -1.23
C GLN A 69 -2.98 6.82 -1.44
N TYR A 70 -2.68 8.11 -1.24
CA TYR A 70 -3.67 9.15 -1.48
C TYR A 70 -4.10 9.17 -2.95
N VAL A 71 -3.15 8.99 -3.86
CA VAL A 71 -3.49 8.94 -5.28
C VAL A 71 -4.45 7.80 -5.56
N VAL A 72 -4.41 6.75 -4.73
CA VAL A 72 -5.36 5.66 -4.87
C VAL A 72 -6.70 6.02 -4.24
N GLU A 73 -6.67 6.62 -3.04
CA GLU A 73 -7.91 7.12 -2.44
C GLU A 73 -8.59 8.14 -3.36
N PHE A 74 -7.80 8.85 -4.17
CA PHE A 74 -8.37 9.79 -5.13
C PHE A 74 -8.94 9.07 -6.33
N ALA A 75 -8.24 8.06 -6.85
CA ALA A 75 -8.71 7.35 -8.03
C ALA A 75 -10.04 6.65 -7.75
N LYS A 76 -10.20 6.12 -6.53
CA LYS A 76 -11.42 5.38 -6.22
C LYS A 76 -12.65 6.27 -6.18
N ARG A 77 -12.47 7.56 -5.86
CA ARG A 77 -13.61 8.47 -5.75
C ARG A 77 -14.01 9.03 -7.10
N LEU A 78 -13.79 8.25 -8.17
CA LEU A 78 -14.11 8.66 -9.53
C LEU A 78 -15.15 7.71 -10.09
N SER A 79 -16.40 8.18 -10.16
CA SER A 79 -17.49 7.37 -10.72
C SER A 79 -17.25 7.12 -12.20
N GLY A 80 -16.49 6.08 -12.51
CA GLY A 80 -16.14 5.76 -13.88
C GLY A 80 -14.85 4.98 -13.94
N PHE A 81 -13.94 5.28 -13.03
CA PHE A 81 -12.73 4.47 -12.89
C PHE A 81 -13.06 3.12 -12.26
N MET A 82 -13.95 3.12 -11.26
CA MET A 82 -14.35 1.86 -10.63
C MET A 82 -15.15 0.97 -11.57
N GLU A 83 -15.81 1.55 -12.59
CA GLU A 83 -16.51 0.75 -13.58
C GLU A 83 -15.56 -0.08 -14.44
N LEU A 84 -14.26 0.11 -14.30
CA LEU A 84 -13.29 -0.69 -15.04
C LEU A 84 -13.00 -1.99 -14.29
N CYS A 85 -12.60 -3.02 -15.04
CA CYS A 85 -12.35 -4.32 -14.46
C CYS A 85 -11.17 -4.27 -13.50
N GLN A 86 -10.96 -5.37 -12.78
CA GLN A 86 -9.84 -5.47 -11.84
C GLN A 86 -8.52 -5.22 -12.55
N ASN A 87 -8.38 -5.74 -13.78
CA ASN A 87 -7.11 -5.62 -14.49
C ASN A 87 -6.86 -4.18 -14.93
N ASP A 88 -7.81 -3.58 -15.64
CA ASP A 88 -7.62 -2.23 -16.15
C ASP A 88 -7.35 -1.24 -15.02
N GLN A 89 -8.01 -1.42 -13.88
CA GLN A 89 -7.73 -0.57 -12.72
C GLN A 89 -6.26 -0.68 -12.32
N ILE A 90 -5.73 -1.90 -12.22
CA ILE A 90 -4.35 -2.05 -11.79
C ILE A 90 -3.40 -1.44 -12.82
N VAL A 91 -3.71 -1.59 -14.10
CA VAL A 91 -2.86 -1.06 -15.15
C VAL A 91 -2.71 0.46 -14.99
N LEU A 92 -3.83 1.16 -14.85
CA LEU A 92 -3.80 2.62 -14.88
C LEU A 92 -3.05 3.20 -13.68
N LEU A 93 -3.18 2.59 -12.50
CA LEU A 93 -2.44 3.09 -11.35
C LEU A 93 -0.97 2.67 -11.43
N LYS A 94 -0.71 1.38 -11.74
CA LYS A 94 0.66 0.91 -11.84
C LYS A 94 1.49 1.82 -12.74
N ALA A 95 0.89 2.31 -13.83
CA ALA A 95 1.62 3.21 -14.71
C ALA A 95 1.49 4.66 -14.28
N GLY A 96 0.33 5.06 -13.77
CA GLY A 96 0.07 6.46 -13.52
C GLY A 96 0.26 6.91 -12.08
N ALA A 97 0.12 6.00 -11.13
CA ALA A 97 0.12 6.37 -9.71
C ALA A 97 1.26 7.33 -9.37
N MET A 98 2.50 6.93 -9.67
CA MET A 98 3.64 7.77 -9.29
C MET A 98 3.66 9.07 -10.07
N GLU A 99 3.28 9.03 -11.35
CA GLU A 99 3.28 10.25 -12.16
C GLU A 99 2.39 11.32 -11.53
N VAL A 100 1.25 10.92 -10.97
CA VAL A 100 0.35 11.89 -10.34
C VAL A 100 1.00 12.49 -9.10
N VAL A 101 1.67 11.67 -8.29
CA VAL A 101 2.35 12.18 -7.12
C VAL A 101 3.38 13.22 -7.52
N LEU A 102 4.08 12.98 -8.64
CA LEU A 102 5.08 13.93 -9.11
C LEU A 102 4.44 15.25 -9.52
N VAL A 103 3.22 15.19 -10.06
CA VAL A 103 2.52 16.42 -10.42
C VAL A 103 2.06 17.16 -9.17
N ARG A 104 1.58 16.42 -8.17
CA ARG A 104 1.15 17.04 -6.91
C ARG A 104 2.32 17.68 -6.16
N MET A 105 3.57 17.34 -6.51
CA MET A 105 4.71 17.88 -5.79
C MET A 105 4.84 19.39 -6.00
N CYS A 106 4.37 19.91 -7.13
CA CYS A 106 4.50 21.35 -7.40
C CYS A 106 3.82 22.19 -6.33
N ARG A 107 2.92 21.61 -5.54
CA ARG A 107 2.28 22.34 -4.47
C ARG A 107 3.26 22.65 -3.34
N ALA A 108 3.98 21.63 -2.88
CA ALA A 108 4.95 21.77 -1.80
C ALA A 108 6.25 22.40 -2.25
N TYR A 109 6.31 22.95 -3.46
CA TYR A 109 7.51 23.60 -3.97
C TYR A 109 7.40 25.11 -3.85
N ASN A 110 8.48 25.74 -3.41
CA ASN A 110 8.55 27.19 -3.25
C ASN A 110 9.39 27.75 -4.40
N ALA A 111 8.74 28.40 -5.36
CA ALA A 111 9.43 28.95 -6.52
C ALA A 111 10.38 30.08 -6.14
N ASP A 112 10.12 30.79 -5.03
CA ASP A 112 10.97 31.90 -4.64
C ASP A 112 12.36 31.42 -4.23
N ASN A 113 12.45 30.77 -3.07
CA ASN A 113 13.72 30.30 -2.53
C ASN A 113 14.17 28.98 -3.13
N ARG A 114 13.38 28.38 -4.03
CA ARG A 114 13.75 27.12 -4.66
C ARG A 114 13.89 26.00 -3.63
N THR A 115 12.94 25.93 -2.70
CA THR A 115 12.92 24.90 -1.67
C THR A 115 11.63 24.10 -1.77
N VAL A 116 11.63 22.94 -1.11
CA VAL A 116 10.48 22.05 -1.11
C VAL A 116 10.17 21.67 0.33
N PHE A 117 8.88 21.48 0.61
CA PHE A 117 8.42 21.09 1.93
C PHE A 117 8.71 19.61 2.13
N PHE A 118 9.69 19.30 2.99
CA PHE A 118 10.10 17.93 3.24
C PHE A 118 10.15 17.72 4.76
N GLU A 119 9.13 17.08 5.31
CA GLU A 119 9.13 16.73 6.73
C GLU A 119 9.09 17.96 7.62
N GLY A 120 7.99 18.71 7.56
CA GLY A 120 7.75 19.81 8.47
C GLY A 120 8.34 21.14 8.08
N LYS A 121 9.43 21.16 7.31
CA LYS A 121 10.08 22.41 6.96
C LYS A 121 10.47 22.39 5.48
N TYR A 122 10.66 23.58 4.93
CA TYR A 122 11.12 23.74 3.56
C TYR A 122 12.64 23.74 3.52
N GLY A 123 13.20 23.04 2.54
CA GLY A 123 14.64 22.96 2.39
C GLY A 123 15.03 22.85 0.93
N GLY A 124 16.23 23.30 0.61
CA GLY A 124 16.73 23.27 -0.74
C GLY A 124 17.02 21.85 -1.20
N MET A 125 17.56 21.76 -2.42
CA MET A 125 17.89 20.45 -2.98
C MET A 125 19.19 19.89 -2.42
N GLU A 126 20.07 20.74 -1.88
CA GLU A 126 21.27 20.24 -1.22
C GLU A 126 20.96 19.49 0.07
N LEU A 127 19.70 19.50 0.51
CA LEU A 127 19.30 18.76 1.69
C LEU A 127 19.33 17.25 1.47
N PHE A 128 19.25 16.80 0.22
CA PHE A 128 19.20 15.39 -0.12
C PHE A 128 20.51 14.95 -0.79
N ARG A 129 21.63 15.50 -0.33
CA ARG A 129 22.93 15.16 -0.91
C ARG A 129 23.38 13.76 -0.54
N ALA A 130 22.86 13.20 0.57
CA ALA A 130 23.29 11.87 0.99
C ALA A 130 22.89 10.79 -0.01
N LEU A 131 21.86 11.04 -0.82
CA LEU A 131 21.41 10.03 -1.79
C LEU A 131 22.45 9.77 -2.87
N GLY A 132 23.24 10.78 -3.21
CA GLY A 132 24.18 10.64 -4.30
C GLY A 132 23.57 10.74 -5.68
N CYS A 133 22.31 11.15 -5.78
CA CYS A 133 21.63 11.32 -7.07
C CYS A 133 21.52 12.79 -7.43
N SER A 134 22.68 13.42 -7.61
CA SER A 134 22.72 14.86 -7.87
C SER A 134 21.88 15.22 -9.08
N GLU A 135 21.88 14.38 -10.11
CA GLU A 135 21.14 14.69 -11.33
C GLU A 135 19.65 14.43 -11.18
N LEU A 136 19.28 13.33 -10.54
CA LEU A 136 17.86 13.01 -10.39
C LEU A 136 17.15 14.05 -9.54
N ILE A 137 17.82 14.57 -8.50
CA ILE A 137 17.19 15.58 -7.64
C ILE A 137 16.83 16.81 -8.45
N SER A 138 17.67 17.17 -9.42
CA SER A 138 17.42 18.38 -10.20
C SER A 138 16.17 18.23 -11.07
N SER A 139 15.98 17.06 -11.67
CA SER A 139 14.83 16.85 -12.56
C SER A 139 13.51 17.07 -11.84
N ILE A 140 13.46 16.92 -10.52
CA ILE A 140 12.23 17.14 -9.77
C ILE A 140 12.04 18.63 -9.51
N PHE A 141 13.05 19.29 -8.93
CA PHE A 141 12.95 20.72 -8.70
C PHE A 141 12.71 21.48 -10.01
N ASP A 142 13.31 21.01 -11.10
CA ASP A 142 13.06 21.62 -12.41
C ASP A 142 11.61 21.38 -12.84
N PHE A 143 11.16 20.12 -12.84
CA PHE A 143 9.80 19.83 -13.24
C PHE A 143 8.78 20.52 -12.35
N SER A 144 9.11 20.70 -11.06
CA SER A 144 8.18 21.36 -10.15
C SER A 144 8.20 22.88 -10.31
N HIS A 145 9.34 23.45 -10.70
CA HIS A 145 9.43 24.90 -10.86
C HIS A 145 8.60 25.36 -12.06
N SER A 146 8.62 24.59 -13.15
CA SER A 146 7.82 24.96 -14.31
C SER A 146 6.33 24.93 -14.01
N LEU A 147 5.89 23.99 -13.17
CA LEU A 147 4.48 23.90 -12.81
C LEU A 147 4.11 24.97 -11.79
N SER A 148 5.00 25.27 -10.85
CA SER A 148 4.73 26.32 -9.87
C SER A 148 4.66 27.69 -10.51
N ALA A 149 5.25 27.86 -11.70
CA ALA A 149 5.16 29.13 -12.39
C ALA A 149 3.75 29.38 -12.93
N LEU A 150 3.10 28.34 -13.44
CA LEU A 150 1.75 28.47 -13.95
C LEU A 150 0.74 28.83 -12.86
N HIS A 151 1.12 28.72 -11.58
CA HIS A 151 0.20 28.97 -10.47
C HIS A 151 -0.95 27.97 -10.49
N PHE A 152 -0.60 26.69 -10.58
CA PHE A 152 -1.60 25.63 -10.64
C PHE A 152 -2.56 25.72 -9.45
N SER A 153 -3.86 25.76 -9.76
CA SER A 153 -4.89 25.75 -8.73
C SER A 153 -5.23 24.32 -8.34
N GLU A 154 -5.91 24.19 -7.20
CA GLU A 154 -6.28 22.87 -6.72
C GLU A 154 -7.16 22.14 -7.73
N ASP A 155 -8.13 22.84 -8.33
CA ASP A 155 -9.01 22.21 -9.29
C ASP A 155 -8.28 21.86 -10.58
N GLU A 156 -7.31 22.69 -10.99
CA GLU A 156 -6.53 22.39 -12.19
C GLU A 156 -5.64 21.17 -11.98
N ILE A 157 -4.96 21.11 -10.83
CA ILE A 157 -4.16 19.92 -10.52
C ILE A 157 -5.05 18.69 -10.41
N ALA A 158 -6.23 18.85 -9.80
CA ALA A 158 -7.15 17.73 -9.68
C ALA A 158 -7.58 17.23 -11.05
N LEU A 159 -7.94 18.15 -11.95
CA LEU A 159 -8.36 17.76 -13.29
C LEU A 159 -7.18 17.24 -14.10
N TYR A 160 -5.99 17.83 -13.92
CA TYR A 160 -4.83 17.40 -14.69
C TYR A 160 -4.36 16.02 -14.26
N THR A 161 -4.12 15.83 -12.95
CA THR A 161 -3.68 14.52 -12.48
C THR A 161 -4.70 13.44 -12.82
N ALA A 162 -5.98 13.80 -12.92
CA ALA A 162 -6.99 12.82 -13.32
C ALA A 162 -6.77 12.36 -14.76
N LEU A 163 -6.35 13.27 -15.63
CA LEU A 163 -6.07 12.92 -17.02
C LEU A 163 -4.75 12.16 -17.19
N VAL A 164 -3.90 12.14 -16.16
CA VAL A 164 -2.67 11.35 -16.23
C VAL A 164 -2.97 9.88 -15.95
N LEU A 165 -3.90 9.61 -15.03
CA LEU A 165 -4.30 8.25 -14.71
C LEU A 165 -5.11 7.65 -15.86
N ILE A 166 -6.31 8.18 -16.09
CA ILE A 166 -7.18 7.69 -17.15
C ILE A 166 -6.58 8.05 -18.50
N ASN A 167 -5.82 7.11 -19.07
CA ASN A 167 -5.17 7.32 -20.36
C ASN A 167 -5.25 6.02 -21.14
N ALA A 168 -6.07 6.02 -22.20
CA ALA A 168 -6.27 4.82 -23.00
C ALA A 168 -5.02 4.38 -23.76
N HIS A 169 -3.92 5.12 -23.66
CA HIS A 169 -2.67 4.78 -24.33
C HIS A 169 -1.74 3.95 -23.45
N ARG A 170 -2.27 3.34 -22.39
CA ARG A 170 -1.48 2.48 -21.51
C ARG A 170 -1.50 1.03 -22.01
N PRO A 171 -0.36 0.37 -22.02
CA PRO A 171 -0.31 -1.01 -22.51
C PRO A 171 -1.03 -1.97 -21.57
N GLY A 172 -1.55 -3.05 -22.15
CA GLY A 172 -2.18 -4.09 -21.38
C GLY A 172 -3.59 -3.81 -20.93
N LEU A 173 -4.30 -2.90 -21.59
CA LEU A 173 -5.67 -2.58 -21.22
C LEU A 173 -6.63 -3.54 -21.92
N GLN A 174 -7.55 -4.11 -21.14
CA GLN A 174 -8.57 -5.00 -21.70
C GLN A 174 -9.74 -4.19 -22.26
N GLU A 175 -10.43 -3.46 -21.38
CA GLU A 175 -11.53 -2.57 -21.79
C GLU A 175 -10.98 -1.23 -22.29
N LYS A 176 -10.16 -1.31 -23.34
CA LYS A 176 -9.50 -0.12 -23.87
C LYS A 176 -10.51 0.88 -24.40
N ARG A 177 -11.53 0.41 -25.12
CA ARG A 177 -12.55 1.32 -25.63
C ARG A 177 -13.26 2.05 -24.50
N LYS A 178 -13.52 1.35 -23.40
CA LYS A 178 -14.17 1.99 -22.26
C LYS A 178 -13.30 3.06 -21.63
N VAL A 179 -11.98 2.90 -21.73
CA VAL A 179 -11.07 3.90 -21.18
C VAL A 179 -11.07 5.17 -22.03
N GLU A 180 -11.22 5.02 -23.34
CA GLU A 180 -11.25 6.18 -24.22
C GLU A 180 -12.45 7.07 -23.92
N GLN A 181 -13.62 6.47 -23.80
CA GLN A 181 -14.82 7.25 -23.49
C GLN A 181 -14.65 8.01 -22.17
N LEU A 182 -13.98 7.39 -21.20
CA LEU A 182 -13.73 8.07 -19.94
C LEU A 182 -12.68 9.16 -20.10
N GLN A 183 -11.63 8.89 -20.88
CA GLN A 183 -10.59 9.90 -21.09
C GLN A 183 -11.16 11.13 -21.78
N TYR A 184 -12.00 10.93 -22.80
CA TYR A 184 -12.60 12.07 -23.49
C TYR A 184 -13.44 12.90 -22.52
N ASN A 185 -14.36 12.24 -21.79
CA ASN A 185 -15.23 12.95 -20.85
C ASN A 185 -14.43 13.77 -19.84
N LEU A 186 -13.18 13.39 -19.57
CA LEU A 186 -12.33 14.21 -18.70
C LEU A 186 -11.66 15.33 -19.48
N GLU A 187 -11.13 15.02 -20.66
CA GLU A 187 -10.54 16.06 -21.49
C GLU A 187 -11.56 17.15 -21.81
N LEU A 188 -12.83 16.77 -21.97
CA LEU A 188 -13.87 17.76 -22.24
C LEU A 188 -14.13 18.62 -21.00
N ALA A 189 -14.21 18.00 -19.82
CA ALA A 189 -14.44 18.76 -18.60
C ALA A 189 -13.23 19.64 -18.25
N PHE A 190 -12.03 19.22 -18.65
CA PHE A 190 -10.84 20.03 -18.39
C PHE A 190 -10.85 21.31 -19.20
N HIS A 191 -11.20 21.20 -20.49
CA HIS A 191 -11.32 22.40 -21.31
C HIS A 191 -12.42 23.31 -20.80
N HIS A 192 -13.57 22.74 -20.44
CA HIS A 192 -14.71 23.55 -20.00
C HIS A 192 -14.36 24.35 -18.76
N HIS A 193 -13.60 23.76 -17.83
CA HIS A 193 -13.26 24.48 -16.62
C HIS A 193 -12.26 25.60 -16.89
N LEU A 194 -11.37 25.42 -17.87
CA LEU A 194 -10.44 26.48 -18.22
C LEU A 194 -11.14 27.65 -18.87
N CYS A 195 -12.28 27.41 -19.53
CA CYS A 195 -13.05 28.50 -20.11
C CYS A 195 -13.83 29.26 -19.03
N LYS A 196 -14.51 28.53 -18.13
CA LYS A 196 -15.22 29.17 -17.04
C LYS A 196 -14.32 30.13 -16.28
N THR A 197 -13.07 29.74 -16.07
CA THR A 197 -12.11 30.54 -15.32
C THR A 197 -11.13 31.30 -16.21
N HIS A 198 -11.29 31.22 -17.52
CA HIS A 198 -10.42 31.92 -18.47
C HIS A 198 -8.95 31.54 -18.26
N ARG A 199 -8.68 30.24 -18.43
CA ARG A 199 -7.36 29.69 -18.23
C ARG A 199 -6.90 28.87 -19.43
N GLN A 200 -7.35 29.24 -20.63
CA GLN A 200 -6.93 28.52 -21.83
C GLN A 200 -5.42 28.63 -22.07
N SER A 201 -4.76 29.59 -21.43
CA SER A 201 -3.34 29.81 -21.71
C SER A 201 -2.48 28.66 -21.20
N ILE A 202 -2.86 28.05 -20.08
CA ILE A 202 -2.02 27.02 -19.47
C ILE A 202 -1.97 25.75 -20.31
N LEU A 203 -2.91 25.57 -21.25
CA LEU A 203 -2.97 24.32 -21.99
C LEU A 203 -1.70 24.09 -22.81
N ALA A 204 -1.17 25.15 -23.41
CA ALA A 204 0.02 25.04 -24.24
C ALA A 204 1.31 25.17 -23.44
N LYS A 205 1.23 25.35 -22.13
CA LYS A 205 2.41 25.45 -21.28
C LYS A 205 2.57 24.27 -20.33
N LEU A 206 1.70 23.27 -20.41
CA LEU A 206 1.83 22.10 -19.56
C LEU A 206 3.00 21.24 -20.03
N PRO A 207 3.52 20.38 -19.15
CA PRO A 207 4.60 19.48 -19.55
C PRO A 207 4.14 18.52 -20.63
N PRO A 208 4.86 18.41 -21.74
CA PRO A 208 4.47 17.47 -22.79
C PRO A 208 4.52 16.05 -22.28
N LYS A 209 3.37 15.37 -22.35
CA LYS A 209 3.30 13.99 -21.88
C LYS A 209 4.36 13.15 -22.58
N GLY A 210 4.99 12.27 -21.81
CA GLY A 210 6.18 11.58 -22.27
C GLY A 210 7.39 12.10 -21.52
N LYS A 211 7.46 13.43 -21.37
CA LYS A 211 8.43 14.01 -20.45
C LYS A 211 8.12 13.61 -19.02
N LEU A 212 6.92 13.97 -18.54
CA LEU A 212 6.45 13.44 -17.27
C LEU A 212 6.51 11.92 -17.25
N ARG A 213 6.30 11.29 -18.41
CA ARG A 213 6.39 9.83 -18.49
C ARG A 213 7.83 9.35 -18.36
N SER A 214 8.73 9.95 -19.14
CA SER A 214 10.14 9.53 -19.09
C SER A 214 10.79 9.94 -17.78
N LEU A 215 10.44 11.11 -17.26
CA LEU A 215 10.98 11.55 -15.98
C LEU A 215 10.69 10.55 -14.88
N CYS A 216 9.44 10.08 -14.81
CA CYS A 216 9.06 9.11 -13.78
C CYS A 216 9.83 7.80 -13.95
N SER A 217 9.98 7.34 -15.20
CA SER A 217 10.71 6.10 -15.44
C SER A 217 12.15 6.20 -14.94
N GLN A 218 12.76 7.39 -15.01
CA GLN A 218 14.14 7.55 -14.59
C GLN A 218 14.28 7.44 -13.07
N HIS A 219 13.26 7.87 -12.33
CA HIS A 219 13.35 7.81 -10.87
C HIS A 219 13.12 6.40 -10.34
N VAL A 220 12.17 5.66 -10.94
CA VAL A 220 11.94 4.28 -10.52
C VAL A 220 13.17 3.43 -10.80
N GLU A 221 13.86 3.68 -11.91
CA GLU A 221 15.08 2.94 -12.21
C GLU A 221 16.09 3.08 -11.08
N ARG A 222 16.25 4.30 -10.56
CA ARG A 222 17.15 4.52 -9.44
C ARG A 222 16.53 4.02 -8.13
N LEU A 223 15.21 4.18 -7.99
CA LEU A 223 14.57 3.85 -6.72
C LEU A 223 14.66 2.36 -6.41
N GLN A 224 14.42 1.52 -7.42
CA GLN A 224 14.32 0.08 -7.18
C GLN A 224 15.57 -0.47 -6.49
N ILE A 225 16.76 -0.04 -6.93
CA ILE A 225 18.00 -0.66 -6.49
C ILE A 225 18.07 -0.70 -4.96
N PHE A 226 17.74 0.41 -4.31
CA PHE A 226 17.87 0.46 -2.86
C PHE A 226 16.64 -0.10 -2.15
N GLN A 227 15.45 0.32 -2.55
CA GLN A 227 14.20 -0.15 -1.98
C GLN A 227 13.31 -0.71 -3.08
N HIS A 228 12.50 -1.70 -2.73
CA HIS A 228 11.68 -2.42 -3.71
C HIS A 228 10.21 -2.31 -3.32
N LEU A 229 9.33 -2.29 -4.33
CA LEU A 229 9.73 -2.35 -5.73
C LEU A 229 8.65 -1.86 -6.69
N HIS A 230 7.57 -2.64 -6.85
CA HIS A 230 6.67 -2.39 -7.98
C HIS A 230 5.90 -1.08 -7.86
N PRO A 231 5.24 -0.76 -6.72
CA PRO A 231 4.87 -1.44 -5.48
C PRO A 231 3.35 -1.42 -5.29
N ILE A 232 2.75 -2.60 -5.13
CA ILE A 232 1.29 -2.75 -5.05
C ILE A 232 0.57 -1.72 -5.90
N ALA B 5 17.25 -28.42 -7.59
CA ALA B 5 16.87 -28.30 -6.19
C ALA B 5 17.24 -29.55 -5.41
N SER B 6 18.35 -29.48 -4.68
CA SER B 6 18.82 -30.61 -3.88
C SER B 6 18.27 -30.51 -2.46
N LEU B 7 18.80 -31.32 -1.55
CA LEU B 7 18.35 -31.30 -0.16
C LEU B 7 19.06 -30.23 0.65
N THR B 8 20.37 -30.07 0.47
CA THR B 8 21.08 -28.99 1.15
C THR B 8 20.47 -27.64 0.81
N GLU B 9 20.01 -27.48 -0.44
CA GLU B 9 19.34 -26.23 -0.81
C GLU B 9 18.04 -26.05 -0.04
N ILE B 10 17.32 -27.15 0.20
CA ILE B 10 16.09 -27.07 0.98
C ILE B 10 16.38 -26.51 2.37
N GLU B 11 17.45 -26.98 3.01
CA GLU B 11 17.83 -26.43 4.31
C GLU B 11 18.15 -24.95 4.19
N HIS B 12 18.72 -24.51 3.06
CA HIS B 12 18.96 -23.10 2.84
C HIS B 12 17.66 -22.32 2.67
N LEU B 13 16.65 -22.93 2.05
CA LEU B 13 15.38 -22.26 1.88
C LEU B 13 14.66 -22.08 3.21
N VAL B 14 14.65 -23.14 4.05
CA VAL B 14 14.02 -23.03 5.36
C VAL B 14 14.62 -21.89 6.16
N GLN B 15 15.95 -21.76 6.12
CA GLN B 15 16.61 -20.69 6.85
C GLN B 15 16.29 -19.32 6.28
N SER B 16 16.04 -19.24 4.96
CA SER B 16 15.71 -17.96 4.34
C SER B 16 14.32 -17.50 4.74
N VAL B 17 13.34 -18.40 4.72
CA VAL B 17 11.97 -18.03 5.08
C VAL B 17 11.88 -17.66 6.55
N CYS B 18 12.48 -18.47 7.42
CA CYS B 18 12.46 -18.16 8.85
C CYS B 18 13.13 -16.82 9.12
N LYS B 19 14.13 -16.46 8.33
CA LYS B 19 14.80 -15.18 8.52
C LYS B 19 13.97 -14.03 7.94
N SER B 20 13.41 -14.24 6.74
CA SER B 20 12.55 -13.21 6.16
C SER B 20 11.35 -12.91 7.05
N TYR B 21 10.88 -13.90 7.81
CA TYR B 21 9.76 -13.68 8.71
C TYR B 21 10.19 -12.97 9.99
N ARG B 22 11.36 -13.34 10.52
CA ARG B 22 11.84 -12.69 11.74
C ARG B 22 12.00 -11.19 11.55
N GLU B 23 12.24 -10.75 10.32
CA GLU B 23 12.47 -9.34 10.02
C GLU B 23 11.20 -8.59 9.66
N THR B 24 10.14 -9.29 9.22
CA THR B 24 8.89 -8.67 8.82
C THR B 24 7.73 -9.14 9.67
N CYS B 25 8.00 -9.57 10.90
CA CYS B 25 6.97 -10.07 11.80
C CYS B 25 6.13 -8.95 12.42
N GLN B 26 6.42 -7.69 12.10
CA GLN B 26 5.68 -6.56 12.66
C GLN B 26 5.96 -6.41 14.15
N LEU B 27 5.56 -7.40 14.94
CA LEU B 27 5.76 -7.39 16.38
C LEU B 27 6.60 -8.60 16.80
N ARG B 28 7.44 -8.41 17.80
CA ARG B 28 8.21 -9.51 18.35
C ARG B 28 7.31 -10.39 19.20
N LEU B 29 7.42 -11.71 19.03
CA LEU B 29 6.63 -12.63 19.84
C LEU B 29 6.94 -12.47 21.31
N GLU B 30 8.16 -12.04 21.64
CA GLU B 30 8.54 -11.83 23.03
C GLU B 30 7.87 -10.59 23.62
N ASP B 31 7.45 -9.65 22.80
CA ASP B 31 6.75 -8.46 23.33
C ASP B 31 5.26 -8.73 23.50
N LEU B 32 4.66 -9.49 22.58
CA LEU B 32 3.24 -9.81 22.69
C LEU B 32 2.95 -10.62 23.96
N LEU B 33 3.68 -11.73 24.14
CA LEU B 33 3.50 -12.54 25.34
C LEU B 33 3.75 -11.71 26.61
N ARG B 34 4.78 -10.87 26.60
CA ARG B 34 5.06 -10.03 27.76
C ARG B 34 3.91 -9.07 28.03
N GLN B 35 3.13 -8.73 27.01
CA GLN B 35 2.01 -7.80 27.14
C GLN B 35 0.69 -8.50 27.43
N ARG B 36 0.69 -9.83 27.59
CA ARG B 36 -0.56 -10.52 27.91
C ARG B 36 -1.19 -9.98 29.19
N SER B 37 -0.37 -9.51 30.13
CA SER B 37 -0.88 -8.97 31.38
C SER B 37 -1.49 -7.59 31.19
N ASN B 38 -1.19 -6.89 30.10
CA ASN B 38 -1.69 -5.54 29.85
C ASN B 38 -3.03 -5.66 29.15
N ILE B 39 -4.12 -5.55 29.92
CA ILE B 39 -5.46 -5.73 29.41
C ILE B 39 -6.26 -4.45 29.61
N PHE B 40 -7.21 -4.22 28.70
CA PHE B 40 -8.09 -3.06 28.83
C PHE B 40 -9.02 -3.23 30.03
N SER B 41 -9.42 -2.10 30.59
CA SER B 41 -10.32 -2.09 31.74
C SER B 41 -11.77 -2.03 31.27
N ARG B 42 -12.69 -2.16 32.24
CA ARG B 42 -14.11 -2.08 31.91
C ARG B 42 -14.49 -0.70 31.38
N GLU B 43 -13.75 0.33 31.77
CA GLU B 43 -14.01 1.67 31.25
C GLU B 43 -13.52 1.79 29.82
N GLU B 44 -12.28 1.39 29.56
CA GLU B 44 -11.71 1.52 28.22
C GLU B 44 -12.51 0.71 27.20
N VAL B 45 -13.08 -0.43 27.61
CA VAL B 45 -13.89 -1.23 26.70
C VAL B 45 -15.16 -0.48 26.34
N THR B 46 -15.79 0.17 27.33
CA THR B 46 -16.98 0.96 27.05
C THR B 46 -16.70 2.06 26.03
N GLY B 47 -15.47 2.58 26.01
CA GLY B 47 -15.13 3.60 25.03
C GLY B 47 -15.21 3.08 23.60
N TYR B 48 -14.72 1.85 23.38
CA TYR B 48 -14.76 1.28 22.04
C TYR B 48 -16.18 0.87 21.64
N GLN B 49 -17.02 0.51 22.61
CA GLN B 49 -18.39 0.11 22.30
C GLN B 49 -19.27 1.31 21.97
N ARG B 50 -18.98 2.47 22.55
CA ARG B 50 -19.75 3.67 22.26
C ARG B 50 -19.33 4.35 20.95
N LYS B 51 -18.18 3.98 20.40
CA LYS B 51 -17.70 4.62 19.18
C LYS B 51 -18.60 4.31 18.00
N SER B 52 -18.58 5.21 17.03
CA SER B 52 -19.34 5.01 15.80
C SER B 52 -18.81 3.80 15.04
N MET B 53 -19.71 3.13 14.32
CA MET B 53 -19.30 1.97 13.54
C MET B 53 -18.24 2.35 12.51
N TRP B 54 -18.37 3.54 11.90
CA TRP B 54 -17.36 3.99 10.95
C TRP B 54 -16.02 4.20 11.64
N GLU B 55 -16.04 4.79 12.84
CA GLU B 55 -14.79 4.98 13.58
C GLU B 55 -14.04 3.67 13.74
N MET B 56 -14.76 2.58 14.02
CA MET B 56 -14.10 1.30 14.24
C MET B 56 -13.63 0.67 12.95
N TRP B 57 -14.32 0.92 11.84
CA TRP B 57 -13.91 0.34 10.56
C TRP B 57 -12.60 0.96 10.07
N GLU B 58 -12.49 2.28 10.11
CA GLU B 58 -11.27 2.92 9.65
C GLU B 58 -10.09 2.58 10.56
N ARG B 59 -10.35 2.41 11.86
CA ARG B 59 -9.29 1.98 12.76
C ARG B 59 -8.80 0.58 12.40
N CYS B 60 -9.73 -0.37 12.28
CA CYS B 60 -9.36 -1.74 11.91
C CYS B 60 -8.81 -1.80 10.49
N ALA B 61 -9.33 -0.96 9.58
CA ALA B 61 -8.85 -0.98 8.21
C ALA B 61 -7.39 -0.52 8.13
N HIS B 62 -7.04 0.50 8.91
CA HIS B 62 -5.66 0.96 8.92
C HIS B 62 -4.73 -0.10 9.51
N HIS B 63 -5.17 -0.76 10.58
CA HIS B 63 -4.35 -1.80 11.20
C HIS B 63 -4.14 -2.97 10.25
N LEU B 64 -5.16 -3.30 9.46
CA LEU B 64 -5.00 -4.36 8.48
C LEU B 64 -4.07 -3.95 7.36
N THR B 65 -4.21 -2.71 6.88
CA THR B 65 -3.31 -2.20 5.84
C THR B 65 -1.86 -2.21 6.33
N GLU B 66 -1.63 -1.71 7.54
CA GLU B 66 -0.29 -1.76 8.10
C GLU B 66 0.21 -3.19 8.24
N ALA B 67 -0.70 -4.14 8.41
CA ALA B 67 -0.30 -5.54 8.54
C ALA B 67 -0.06 -6.20 7.19
N ILE B 68 -0.77 -5.76 6.14
CA ILE B 68 -0.54 -6.32 4.81
C ILE B 68 0.75 -5.76 4.21
N GLN B 69 1.16 -4.55 4.63
CA GLN B 69 2.44 -4.02 4.18
C GLN B 69 3.58 -4.91 4.62
N TYR B 70 3.58 -5.33 5.89
CA TYR B 70 4.60 -6.24 6.38
C TYR B 70 4.51 -7.59 5.69
N VAL B 71 3.33 -7.97 5.23
CA VAL B 71 3.21 -9.22 4.48
C VAL B 71 3.87 -9.08 3.12
N VAL B 72 3.97 -7.85 2.60
CA VAL B 72 4.64 -7.64 1.32
C VAL B 72 6.16 -7.66 1.50
N GLU B 73 6.67 -7.02 2.55
CA GLU B 73 8.09 -7.11 2.85
C GLU B 73 8.51 -8.56 3.06
N PHE B 74 7.64 -9.36 3.69
CA PHE B 74 7.94 -10.78 3.86
C PHE B 74 8.08 -11.48 2.51
N ALA B 75 7.21 -11.14 1.55
CA ALA B 75 7.30 -11.74 0.22
C ALA B 75 8.44 -11.14 -0.59
N LYS B 76 8.77 -9.87 -0.37
CA LYS B 76 9.87 -9.25 -1.10
C LYS B 76 11.18 -9.99 -0.87
N ARG B 77 11.38 -10.49 0.34
CA ARG B 77 12.65 -11.09 0.75
C ARG B 77 12.76 -12.56 0.39
N LEU B 78 11.70 -13.17 -0.15
CA LEU B 78 11.71 -14.59 -0.49
C LEU B 78 12.29 -14.76 -1.89
N SER B 79 13.54 -15.22 -1.94
CA SER B 79 14.16 -15.55 -3.23
C SER B 79 13.29 -16.53 -3.99
N GLY B 80 13.27 -16.39 -5.31
CA GLY B 80 12.43 -17.18 -6.16
C GLY B 80 11.03 -16.62 -6.35
N PHE B 81 10.52 -15.89 -5.36
CA PHE B 81 9.26 -15.18 -5.55
C PHE B 81 9.42 -14.00 -6.49
N MET B 82 10.50 -13.23 -6.32
CA MET B 82 10.76 -12.12 -7.22
C MET B 82 11.05 -12.62 -8.64
N GLU B 83 11.53 -13.85 -8.77
CA GLU B 83 11.75 -14.43 -10.10
C GLU B 83 10.46 -14.50 -10.90
N LEU B 84 9.31 -14.53 -10.23
CA LEU B 84 8.03 -14.53 -10.92
C LEU B 84 7.77 -13.16 -11.55
N CYS B 85 7.07 -13.17 -12.69
CA CYS B 85 6.71 -11.92 -13.33
C CYS B 85 5.83 -11.08 -12.42
N GLN B 86 5.81 -9.77 -12.69
CA GLN B 86 5.02 -8.87 -11.86
C GLN B 86 3.53 -9.21 -11.88
N ASN B 87 3.07 -9.88 -12.94
CA ASN B 87 1.66 -10.28 -12.99
C ASN B 87 1.35 -11.34 -11.93
N ASP B 88 2.12 -12.42 -11.92
CA ASP B 88 1.90 -13.47 -10.92
C ASP B 88 2.10 -12.93 -9.51
N GLN B 89 3.10 -12.06 -9.31
CA GLN B 89 3.33 -11.49 -8.00
C GLN B 89 2.07 -10.79 -7.49
N ILE B 90 1.48 -9.92 -8.30
CA ILE B 90 0.26 -9.24 -7.90
C ILE B 90 -0.87 -10.23 -7.72
N VAL B 91 -0.85 -11.35 -8.46
CA VAL B 91 -1.90 -12.35 -8.32
C VAL B 91 -1.77 -13.08 -6.99
N LEU B 92 -0.56 -13.54 -6.67
CA LEU B 92 -0.34 -14.28 -5.43
C LEU B 92 -0.58 -13.42 -4.20
N LEU B 93 -0.35 -12.10 -4.32
CA LEU B 93 -0.55 -11.22 -3.17
C LEU B 93 -2.01 -10.79 -3.03
N LYS B 94 -2.69 -10.55 -4.16
CA LYS B 94 -4.07 -10.07 -4.10
C LYS B 94 -4.98 -11.08 -3.40
N ALA B 95 -4.62 -12.35 -3.43
CA ALA B 95 -5.44 -13.42 -2.86
C ALA B 95 -4.89 -13.98 -1.56
N GLY B 96 -3.57 -14.13 -1.45
CA GLY B 96 -3.00 -14.78 -0.29
C GLY B 96 -2.54 -13.84 0.82
N ALA B 97 -2.38 -12.55 0.50
CA ALA B 97 -1.87 -11.61 1.48
C ALA B 97 -2.72 -11.60 2.74
N MET B 98 -4.02 -11.30 2.59
CA MET B 98 -4.90 -11.25 3.75
C MET B 98 -4.94 -12.60 4.47
N GLU B 99 -5.02 -13.69 3.72
CA GLU B 99 -5.03 -15.01 4.33
C GLU B 99 -3.81 -15.24 5.22
N VAL B 100 -2.68 -14.64 4.86
CA VAL B 100 -1.49 -14.75 5.70
C VAL B 100 -1.66 -13.95 6.98
N VAL B 101 -2.27 -12.77 6.88
CA VAL B 101 -2.48 -11.93 8.06
C VAL B 101 -3.33 -12.66 9.10
N LEU B 102 -4.39 -13.33 8.65
CA LEU B 102 -5.24 -14.08 9.56
C LEU B 102 -4.44 -15.16 10.29
N VAL B 103 -3.49 -15.77 9.60
CA VAL B 103 -2.62 -16.76 10.22
C VAL B 103 -1.64 -16.08 11.18
N ARG B 104 -1.02 -14.99 10.74
CA ARG B 104 -0.06 -14.27 11.57
C ARG B 104 -0.77 -13.61 12.74
N MET B 105 -2.09 -13.70 12.77
CA MET B 105 -2.87 -13.07 13.82
C MET B 105 -2.97 -13.92 15.08
N CYS B 106 -2.82 -15.23 14.97
CA CYS B 106 -2.89 -16.08 16.16
C CYS B 106 -1.78 -15.79 17.16
N ARG B 107 -0.76 -15.03 16.77
CA ARG B 107 0.33 -14.68 17.67
C ARG B 107 -0.09 -13.65 18.72
N ALA B 108 -1.23 -13.00 18.54
CA ALA B 108 -1.71 -12.00 19.48
C ALA B 108 -2.98 -12.45 20.21
N TYR B 109 -3.35 -13.72 20.09
CA TYR B 109 -4.54 -14.25 20.74
C TYR B 109 -4.14 -15.04 21.98
N ASN B 110 -4.72 -14.68 23.12
CA ASN B 110 -4.45 -15.35 24.39
C ASN B 110 -5.61 -16.29 24.68
N ALA B 111 -5.35 -17.60 24.54
CA ALA B 111 -6.40 -18.60 24.74
C ALA B 111 -6.80 -18.74 26.20
N ASP B 112 -5.95 -18.29 27.14
CA ASP B 112 -6.29 -18.39 28.55
C ASP B 112 -7.49 -17.52 28.91
N ASN B 113 -7.63 -16.36 28.26
CA ASN B 113 -8.75 -15.47 28.52
C ASN B 113 -9.52 -15.08 27.26
N ARG B 114 -9.13 -15.59 26.10
CA ARG B 114 -9.85 -15.31 24.85
C ARG B 114 -9.84 -13.83 24.51
N THR B 115 -8.69 -13.19 24.67
CA THR B 115 -8.50 -11.78 24.32
C THR B 115 -7.41 -11.67 23.26
N VAL B 116 -7.49 -10.61 22.46
CA VAL B 116 -6.55 -10.35 21.38
C VAL B 116 -5.91 -8.98 21.60
N PHE B 117 -4.63 -8.87 21.28
CA PHE B 117 -3.92 -7.60 21.40
C PHE B 117 -4.43 -6.63 20.35
N PHE B 118 -4.88 -5.45 20.79
CA PHE B 118 -5.46 -4.48 19.89
C PHE B 118 -5.17 -3.08 20.43
N GLU B 119 -4.28 -2.36 19.77
CA GLU B 119 -4.02 -0.96 20.09
C GLU B 119 -3.43 -0.81 21.48
N GLY B 120 -2.43 -1.63 21.80
CA GLY B 120 -1.64 -1.49 23.01
C GLY B 120 -1.97 -2.49 24.10
N LYS B 121 -3.20 -2.99 24.15
CA LYS B 121 -3.61 -3.89 25.22
C LYS B 121 -4.45 -5.01 24.64
N TYR B 122 -4.69 -6.03 25.46
CA TYR B 122 -5.53 -7.15 25.09
C TYR B 122 -6.97 -6.90 25.50
N GLY B 123 -7.89 -7.51 24.76
CA GLY B 123 -9.31 -7.36 25.04
C GLY B 123 -10.12 -8.43 24.33
N GLY B 124 -11.27 -8.74 24.92
CA GLY B 124 -12.16 -9.74 24.34
C GLY B 124 -12.79 -9.24 23.05
N MET B 125 -13.67 -10.08 22.50
CA MET B 125 -14.33 -9.72 21.25
C MET B 125 -15.49 -8.75 21.46
N GLU B 126 -15.93 -8.54 22.70
CA GLU B 126 -16.93 -7.50 22.96
C GLU B 126 -16.36 -6.10 22.81
N LEU B 127 -15.04 -5.96 22.76
CA LEU B 127 -14.43 -4.65 22.56
C LEU B 127 -14.77 -4.05 21.19
N PHE B 128 -15.27 -4.86 20.27
CA PHE B 128 -15.59 -4.44 18.91
C PHE B 128 -17.09 -4.54 18.65
N ARG B 129 -17.89 -4.26 19.68
CA ARG B 129 -19.34 -4.34 19.53
C ARG B 129 -19.90 -3.25 18.63
N ALA B 130 -19.12 -2.21 18.35
CA ALA B 130 -19.62 -1.11 17.54
C ALA B 130 -19.77 -1.50 16.08
N LEU B 131 -18.95 -2.43 15.59
CA LEU B 131 -19.00 -2.81 14.19
C LEU B 131 -20.32 -3.47 13.81
N GLY B 132 -20.98 -4.12 14.76
CA GLY B 132 -22.19 -4.86 14.47
C GLY B 132 -21.96 -6.17 13.75
N CYS B 133 -20.73 -6.67 13.72
CA CYS B 133 -20.39 -7.93 13.07
C CYS B 133 -20.06 -8.96 14.15
N SER B 134 -21.09 -9.36 14.89
CA SER B 134 -20.88 -10.31 15.99
C SER B 134 -20.43 -11.67 15.48
N GLU B 135 -20.79 -12.03 14.25
CA GLU B 135 -20.46 -13.36 13.75
C GLU B 135 -19.07 -13.40 13.12
N LEU B 136 -18.68 -12.33 12.42
CA LEU B 136 -17.36 -12.28 11.81
C LEU B 136 -16.26 -12.24 12.85
N ILE B 137 -16.39 -11.36 13.85
CA ILE B 137 -15.40 -11.31 14.92
C ILE B 137 -15.28 -12.66 15.61
N SER B 138 -16.41 -13.34 15.82
CA SER B 138 -16.37 -14.67 16.39
C SER B 138 -15.61 -15.64 15.50
N SER B 139 -15.67 -15.44 14.17
CA SER B 139 -14.96 -16.33 13.26
C SER B 139 -13.45 -16.13 13.36
N ILE B 140 -12.99 -14.93 13.70
CA ILE B 140 -11.56 -14.70 13.82
C ILE B 140 -11.03 -15.26 15.12
N PHE B 141 -11.75 -15.07 16.23
CA PHE B 141 -11.33 -15.65 17.49
C PHE B 141 -11.33 -17.16 17.42
N ASP B 142 -12.43 -17.75 16.95
CA ASP B 142 -12.51 -19.21 16.86
C ASP B 142 -11.45 -19.78 15.92
N PHE B 143 -11.02 -19.00 14.93
CA PHE B 143 -9.98 -19.48 14.03
C PHE B 143 -8.60 -19.34 14.65
N SER B 144 -8.38 -18.27 15.43
CA SER B 144 -7.10 -18.10 16.12
C SER B 144 -7.01 -18.96 17.37
N HIS B 145 -8.15 -19.23 18.02
CA HIS B 145 -8.13 -20.10 19.19
C HIS B 145 -7.71 -21.51 18.81
N SER B 146 -8.29 -22.06 17.73
CA SER B 146 -7.91 -23.38 17.26
C SER B 146 -6.51 -23.41 16.64
N LEU B 147 -5.92 -22.25 16.37
CA LEU B 147 -4.57 -22.19 15.81
C LEU B 147 -3.50 -22.06 16.89
N SER B 148 -3.73 -21.22 17.90
CA SER B 148 -2.78 -21.09 18.98
C SER B 148 -2.72 -22.34 19.86
N ALA B 149 -3.68 -23.24 19.73
CA ALA B 149 -3.64 -24.49 20.49
C ALA B 149 -2.46 -25.36 20.06
N LEU B 150 -2.06 -25.29 18.80
CA LEU B 150 -0.93 -26.06 18.31
C LEU B 150 0.41 -25.51 18.78
N HIS B 151 0.42 -24.34 19.43
CA HIS B 151 1.65 -23.69 19.86
C HIS B 151 2.59 -23.47 18.68
N PHE B 152 2.08 -22.78 17.67
CA PHE B 152 2.85 -22.50 16.47
C PHE B 152 4.10 -21.68 16.81
N SER B 153 5.26 -22.18 16.39
CA SER B 153 6.48 -21.43 16.58
C SER B 153 6.68 -20.43 15.43
N GLU B 154 7.62 -19.51 15.63
CA GLU B 154 7.91 -18.54 14.58
C GLU B 154 8.36 -19.22 13.29
N ASP B 155 9.18 -20.26 13.40
CA ASP B 155 9.65 -20.96 12.21
C ASP B 155 8.54 -21.77 11.58
N GLU B 156 7.53 -22.17 12.36
CA GLU B 156 6.40 -22.91 11.80
C GLU B 156 5.42 -21.97 11.11
N ILE B 157 5.17 -20.80 11.68
CA ILE B 157 4.31 -19.82 11.02
C ILE B 157 4.98 -19.29 9.75
N ALA B 158 6.27 -18.98 9.84
CA ALA B 158 6.99 -18.49 8.67
C ALA B 158 6.83 -19.43 7.48
N LEU B 159 7.06 -20.72 7.70
CA LEU B 159 6.96 -21.69 6.61
C LEU B 159 5.52 -21.85 6.14
N TYR B 160 4.55 -21.76 7.04
CA TYR B 160 3.15 -21.97 6.64
C TYR B 160 2.60 -20.77 5.88
N THR B 161 2.82 -19.56 6.41
CA THR B 161 2.36 -18.36 5.70
C THR B 161 2.99 -18.28 4.31
N ALA B 162 4.16 -18.88 4.13
CA ALA B 162 4.78 -18.89 2.81
C ALA B 162 4.06 -19.88 1.89
N LEU B 163 3.67 -21.04 2.40
CA LEU B 163 2.91 -22.00 1.60
C LEU B 163 1.51 -21.50 1.29
N VAL B 164 1.03 -20.50 2.02
CA VAL B 164 -0.28 -19.93 1.70
C VAL B 164 -0.20 -19.02 0.48
N LEU B 165 0.87 -18.21 0.39
CA LEU B 165 1.04 -17.33 -0.76
C LEU B 165 1.40 -18.11 -2.01
N ILE B 166 2.57 -18.75 -2.00
CA ILE B 166 3.03 -19.52 -3.15
C ILE B 166 2.07 -20.67 -3.39
N ASN B 167 0.97 -20.38 -4.08
CA ASN B 167 -0.05 -21.37 -4.40
C ASN B 167 -0.32 -21.33 -5.90
N ALA B 168 0.05 -22.40 -6.60
CA ALA B 168 -0.13 -22.45 -8.05
C ALA B 168 -1.59 -22.65 -8.45
N HIS B 169 -2.50 -22.81 -7.50
CA HIS B 169 -3.92 -22.93 -7.81
C HIS B 169 -4.62 -21.58 -7.94
N ARG B 170 -3.88 -20.48 -7.81
CA ARG B 170 -4.49 -19.16 -7.90
C ARG B 170 -4.93 -18.90 -9.34
N PRO B 171 -6.19 -18.54 -9.58
CA PRO B 171 -6.64 -18.27 -10.95
C PRO B 171 -6.00 -17.00 -11.48
N GLY B 172 -5.37 -17.11 -12.65
CA GLY B 172 -4.73 -15.99 -13.30
C GLY B 172 -3.22 -15.98 -13.32
N LEU B 173 -2.57 -17.11 -13.06
CA LEU B 173 -1.11 -17.18 -13.06
C LEU B 173 -0.61 -17.35 -14.49
N GLN B 174 0.29 -16.45 -14.91
CA GLN B 174 0.86 -16.55 -16.25
C GLN B 174 2.01 -17.54 -16.31
N GLU B 175 2.77 -17.69 -15.22
CA GLU B 175 3.84 -18.66 -15.15
C GLU B 175 3.50 -19.74 -14.14
N LYS B 176 2.41 -20.48 -14.38
CA LYS B 176 1.93 -21.46 -13.43
C LYS B 176 3.01 -22.51 -13.12
N ARG B 177 3.66 -23.02 -14.17
CA ARG B 177 4.69 -24.03 -13.96
C ARG B 177 5.78 -23.52 -13.03
N LYS B 178 6.20 -22.26 -13.20
CA LYS B 178 7.26 -21.71 -12.36
C LYS B 178 6.81 -21.54 -10.92
N VAL B 179 5.50 -21.34 -10.70
CA VAL B 179 5.00 -21.21 -9.33
C VAL B 179 4.96 -22.58 -8.65
N GLU B 180 4.73 -23.64 -9.41
CA GLU B 180 4.67 -24.98 -8.82
C GLU B 180 6.01 -25.37 -8.20
N GLN B 181 7.08 -25.27 -8.98
CA GLN B 181 8.40 -25.65 -8.47
C GLN B 181 8.77 -24.86 -7.23
N LEU B 182 8.30 -23.62 -7.12
CA LEU B 182 8.54 -22.83 -5.91
C LEU B 182 7.67 -23.29 -4.76
N GLN B 183 6.48 -23.84 -5.04
CA GLN B 183 5.61 -24.35 -4.00
C GLN B 183 6.05 -25.73 -3.53
N TYR B 184 6.44 -26.60 -4.45
CA TYR B 184 6.87 -27.94 -4.08
C TYR B 184 8.11 -27.89 -3.20
N ASN B 185 9.05 -27.01 -3.51
CA ASN B 185 10.22 -26.84 -2.66
C ASN B 185 9.86 -26.27 -1.29
N LEU B 186 8.74 -25.56 -1.18
CA LEU B 186 8.27 -25.12 0.12
C LEU B 186 7.52 -26.22 0.85
N GLU B 187 6.85 -27.10 0.12
CA GLU B 187 6.20 -28.25 0.75
C GLU B 187 7.24 -29.23 1.29
N LEU B 188 8.27 -29.51 0.50
CA LEU B 188 9.34 -30.41 0.96
C LEU B 188 10.11 -29.79 2.11
N ALA B 189 10.44 -28.50 2.01
CA ALA B 189 11.16 -27.83 3.09
C ALA B 189 10.34 -27.80 4.38
N PHE B 190 9.02 -27.72 4.26
CA PHE B 190 8.18 -27.72 5.46
C PHE B 190 8.23 -29.07 6.16
N HIS B 191 7.96 -30.14 5.42
CA HIS B 191 8.04 -31.48 6.01
C HIS B 191 9.44 -31.74 6.58
N HIS B 192 10.48 -31.32 5.85
CA HIS B 192 11.84 -31.53 6.34
C HIS B 192 12.06 -30.82 7.67
N HIS B 193 11.65 -29.55 7.75
CA HIS B 193 11.83 -28.81 9.00
C HIS B 193 11.05 -29.45 10.14
N LEU B 194 9.83 -29.92 9.87
CA LEU B 194 9.02 -30.54 10.89
C LEU B 194 9.59 -31.88 11.35
N CYS B 195 10.48 -32.48 10.56
CA CYS B 195 11.13 -33.72 10.98
C CYS B 195 12.34 -33.44 11.85
N LYS B 196 13.09 -32.39 11.55
CA LYS B 196 14.24 -32.03 12.38
C LYS B 196 13.80 -31.63 13.78
N THR B 197 12.59 -31.11 13.93
CA THR B 197 12.06 -30.67 15.21
C THR B 197 11.02 -31.62 15.78
N HIS B 198 10.78 -32.75 15.13
CA HIS B 198 9.79 -33.74 15.59
C HIS B 198 8.43 -33.08 15.78
N ARG B 199 7.92 -32.50 14.69
CA ARG B 199 6.65 -31.78 14.71
C ARG B 199 5.74 -32.26 13.58
N GLN B 200 5.90 -33.51 13.15
CA GLN B 200 5.04 -34.05 12.10
C GLN B 200 3.58 -34.09 12.53
N SER B 201 3.30 -34.02 13.83
CA SER B 201 1.93 -34.15 14.32
C SER B 201 1.07 -32.98 13.91
N ILE B 202 1.66 -31.81 13.67
CA ILE B 202 0.87 -30.62 13.37
C ILE B 202 0.32 -30.63 11.95
N LEU B 203 0.93 -31.39 11.03
CA LEU B 203 0.46 -31.42 9.65
C LEU B 203 -1.03 -31.74 9.58
N ALA B 204 -1.45 -32.79 10.26
CA ALA B 204 -2.87 -33.15 10.24
C ALA B 204 -3.73 -32.15 10.99
N LYS B 205 -3.14 -31.43 11.96
CA LYS B 205 -3.88 -30.47 12.76
C LYS B 205 -4.07 -29.13 12.08
N LEU B 206 -3.47 -28.91 10.91
CA LEU B 206 -3.58 -27.63 10.24
C LEU B 206 -4.99 -27.43 9.69
N PRO B 207 -5.36 -26.17 9.44
CA PRO B 207 -6.69 -25.89 8.89
C PRO B 207 -6.80 -26.44 7.48
N PRO B 208 -7.95 -27.05 7.14
CA PRO B 208 -8.13 -27.55 5.77
C PRO B 208 -8.20 -26.40 4.78
N LYS B 209 -7.40 -26.48 3.72
CA LYS B 209 -7.40 -25.43 2.71
C LYS B 209 -8.81 -25.25 2.15
N GLY B 210 -9.17 -23.99 1.91
CA GLY B 210 -10.55 -23.65 1.59
C GLY B 210 -11.22 -23.05 2.81
N LYS B 211 -10.95 -23.64 3.98
CA LYS B 211 -11.36 -23.03 5.23
C LYS B 211 -10.75 -21.63 5.37
N LEU B 212 -9.42 -21.55 5.28
CA LEU B 212 -8.76 -20.25 5.30
C LEU B 212 -9.17 -19.40 4.11
N ARG B 213 -9.53 -20.03 3.00
CA ARG B 213 -10.02 -19.29 1.83
C ARG B 213 -11.38 -18.65 2.12
N SER B 214 -12.37 -19.47 2.51
CA SER B 214 -13.72 -18.95 2.74
C SER B 214 -13.76 -17.97 3.90
N LEU B 215 -12.92 -18.16 4.92
CA LEU B 215 -12.88 -17.23 6.04
C LEU B 215 -12.47 -15.84 5.57
N CYS B 216 -11.34 -15.75 4.86
CA CYS B 216 -10.91 -14.48 4.30
C CYS B 216 -11.97 -13.92 3.35
N SER B 217 -12.72 -14.78 2.67
CA SER B 217 -13.74 -14.32 1.73
C SER B 217 -14.85 -13.57 2.46
N GLN B 218 -15.34 -14.13 3.55
CA GLN B 218 -16.47 -13.52 4.26
C GLN B 218 -16.11 -12.19 4.88
N HIS B 219 -14.85 -12.02 5.28
CA HIS B 219 -14.44 -10.75 5.90
C HIS B 219 -14.32 -9.65 4.86
N VAL B 220 -13.68 -9.94 3.73
CA VAL B 220 -13.58 -8.93 2.67
C VAL B 220 -14.97 -8.52 2.19
N GLU B 221 -15.91 -9.47 2.14
CA GLU B 221 -17.25 -9.16 1.70
C GLU B 221 -17.86 -8.03 2.54
N ARG B 222 -17.76 -8.14 3.86
CA ARG B 222 -18.33 -7.11 4.73
C ARG B 222 -17.48 -5.84 4.74
N LEU B 223 -16.17 -5.96 4.56
CA LEU B 223 -15.32 -4.78 4.55
C LEU B 223 -15.48 -3.99 3.26
N GLN B 224 -15.81 -4.67 2.16
CA GLN B 224 -16.05 -3.96 0.91
C GLN B 224 -17.11 -2.89 1.06
N ILE B 225 -18.11 -3.15 1.93
CA ILE B 225 -19.21 -2.21 2.09
C ILE B 225 -18.70 -0.87 2.60
N PHE B 226 -17.66 -0.88 3.43
CA PHE B 226 -17.18 0.34 4.05
C PHE B 226 -15.92 0.90 3.39
N GLN B 227 -15.10 0.06 2.77
CA GLN B 227 -13.84 0.49 2.19
C GLN B 227 -13.65 -0.10 0.80
N HIS B 228 -12.43 -0.52 0.48
CA HIS B 228 -12.12 -1.23 -0.75
C HIS B 228 -10.62 -1.45 -0.79
N LEU B 229 -10.19 -2.33 -1.70
CA LEU B 229 -8.79 -2.73 -1.80
C LEU B 229 -7.83 -1.54 -1.73
C10 RG7 C . 8.63 11.49 -3.26
C13 RG7 C . 5.70 13.47 -1.40
C15 RG7 C . 7.98 13.10 -1.42
C20 RG7 C . 11.07 15.36 -3.61
C21 RG7 C . 12.48 15.32 -3.17
C24 RG7 C . 11.88 13.92 -1.24
C28 RG7 C . 4.92 14.07 1.52
C01 RG7 C . 14.95 9.03 -5.84
C02 RG7 C . 13.95 10.12 -5.45
C07 RG7 C . 10.51 10.00 -4.71
C08 RG7 C . 10.39 9.80 -3.35
C09 RG7 C . 9.44 10.55 -2.61
C11 RG7 C . 7.70 12.24 -2.51
C16 RG7 C . 9.44 13.28 -0.89
C19 RG7 C . 10.34 14.11 -3.16
C23 RG7 C . 12.56 15.19 -1.69
C25 RG7 C . 4.34 14.07 -0.95
C29 RG7 C . 5.57 15.35 2.11
C30 RG7 C . 4.64 16.57 1.94
C31 RG7 C . 6.90 15.63 1.42
C33 RG7 C . 8.76 11.68 -4.63
C35 RG7 C . 9.70 10.94 -5.36
C37 RG7 C . 14.62 11.46 -5.58
F22 RG7 C . 13.14 16.42 -3.56
F38 RG7 C . 15.86 11.38 -5.07
F39 RG7 C . 14.68 11.80 -6.87
F40 RG7 C . 13.91 12.38 -4.90
N03 RG7 C . 12.84 10.05 -6.32
N14 RG7 C . 6.92 13.71 -0.86
N18 RG7 C . 10.52 13.77 -1.74
N27 RG7 C . 4.01 14.34 0.43
O05 RG7 C . 11.05 8.26 -6.68
O06 RG7 C . 12.31 8.02 -4.86
O17 RG7 C . 9.69 13.02 0.28
O26 RG7 C . 3.50 14.33 -1.79
O32 RG7 C . 5.81 15.14 3.48
S04 RG7 C . 11.70 9.06 -5.66
S12 RG7 C . 5.97 12.36 -2.71
CL34 RG7 C . 7.76 12.85 -5.44
CL36 RG7 C . 9.88 11.16 -7.07
H202 RG7 C . 10.64 16.16 -3.25
H201 RG7 C . 11.04 15.40 -4.58
H211 RG7 C . 12.93 14.54 -3.59
H242 RG7 C . 12.40 13.18 -1.61
H241 RG7 C . 11.80 13.97 -0.27
H282 RG7 C . 4.41 13.63 2.25
H281 RG7 C . 5.62 13.46 1.22
H011 RG7 C . 14.47 8.23 -6.12
H013 RG7 C . 15.51 8.82 -5.06
H012 RG7 C . 15.52 9.36 -6.57
H021 RG7 C . 13.65 9.98 -4.52
H081 RG7 C . 10.94 9.15 -2.89
H091 RG7 C . 9.36 10.42 -1.65
H192 RG7 C . 9.37 14.23 -3.32
H191 RG7 C . 10.64 13.35 -3.70
H232 RG7 C . 13.49 15.19 -1.41
H231 RG7 C . 12.10 15.95 -1.28
H303 RG7 C . 3.86 16.46 2.50
H301 RG7 C . 4.37 16.64 1.00
H302 RG7 C . 5.12 17.39 2.20
H311 RG7 C . 7.41 14.80 1.34
H313 RG7 C . 7.42 16.27 1.96
H312 RG7 C . 6.74 16.01 0.54
H031 RG7 C . 13.12 9.70 -7.12
H271 RG7 C . 3.19 14.69 0.62
H321 RG7 C . 6.50 15.65 3.74
C10 RG7 D . -7.30 -7.05 10.98
C13 RG7 D . -3.76 -6.94 12.85
C15 RG7 D . -5.98 -6.32 13.00
C20 RG7 D . -8.89 -8.86 15.15
C21 RG7 D . -10.22 -8.22 15.23
C24 RG7 D . -9.23 -5.95 15.19
C28 RG7 D . -2.35 -4.69 14.29
C01 RG7 D . -12.58 -5.88 10.65
C02 RG7 D . -12.41 -7.39 10.82
C07 RG7 D . -9.68 -7.28 9.51
C08 RG7 D . -9.18 -6.04 9.81
C09 RG7 D . -7.98 -5.92 10.55
C11 RG7 D . -6.10 -6.94 11.74
C16 RG7 D . -7.18 -5.66 13.76
C19 RG7 D . -7.89 -7.97 14.43
C23 RG7 D . -10.09 -6.94 15.96
C25 RG7 D . -2.29 -7.06 13.33
C29 RG7 D . -3.04 -4.64 15.67
C30 RG7 D . -1.97 -4.49 16.76
C31 RG7 D . -3.97 -3.42 15.71
C33 RG7 D . -7.82 -8.31 10.67
C35 RG7 D . -8.99 -8.42 9.94
C37 RG7 D . -13.57 -7.91 11.61
F22 RG7 D . -11.10 -9.01 15.85
F38 RG7 D . -13.67 -7.27 12.79
F39 RG7 D . -13.40 -9.22 11.86
F40 RG7 D . -14.70 -7.74 10.91
N03 RG7 D . -12.40 -8.04 9.56
N14 RG7 D . -4.76 -6.35 13.55
N18 RG7 D . -8.11 -6.53 14.46
N27 RG7 D . -1.66 -5.95 14.02
O05 RG7 D . -11.58 -6.28 7.89
O06 RG7 D . -11.02 -8.39 7.48
O17 RG7 D . -7.33 -4.45 13.76
O26 RG7 D . -1.66 -8.07 13.15
O32 RG7 D . -3.80 -5.81 15.92
S04 RG7 D . -11.20 -7.49 8.58
S12 RG7 D . -4.49 -7.52 11.37
CL34 RG7 D . -6.99 -9.74 11.20
CL36 RG7 D . -9.61 -10.00 9.57
H202 RG7 D . -8.57 -9.06 16.06
H201 RG7 D . -8.98 -9.70 14.66
H211 RG7 D . -10.55 -8.04 14.32
H242 RG7 D . -8.83 -5.36 15.87
H241 RG7 D . -9.80 -5.52 14.54
H282 RG7 D . -3.03 -4.55 13.58
H281 RG7 D . -1.70 -3.97 14.25
H011 RG7 D . -12.82 -5.47 11.51
H013 RG7 D . -13.30 -5.71 9.99
H012 RG7 D . -11.75 -5.49 10.31
H021 RG7 D . -11.57 -7.57 11.30
H081 RG7 D . -9.64 -5.24 9.52
H091 RG7 D . -7.62 -5.03 10.77
H192 RG7 D . -7.02 -8.15 14.84
H191 RG7 D . -7.83 -8.26 13.49
H232 RG7 D . -10.97 -6.55 16.13
H231 RG7 D . -9.64 -7.11 16.82
H303 RG7 D . -1.30 -5.19 16.66
H301 RG7 D . -2.39 -4.57 17.64
H302 RG7 D . -1.55 -3.61 16.69
H311 RG7 D . -4.22 -3.24 16.64
H313 RG7 D . -4.78 -3.62 15.20
H312 RG7 D . -3.52 -2.66 15.32
H031 RG7 D . -12.28 -8.93 9.70
H271 RG7 D . -0.80 -6.04 14.30
H321 RG7 D . -4.29 -5.68 16.66
#